data_7TI7
#
_entry.id   7TI7
#
_cell.length_a   54.490
_cell.length_b   91.820
_cell.length_c   106.360
_cell.angle_alpha   90.000
_cell.angle_beta   90.000
_cell.angle_gamma   90.000
#
_symmetry.space_group_name_H-M   'P 21 21 21'
#
loop_
_entity.id
_entity.type
_entity.pdbx_description
1 polymer 'UDP-N-acetylmuramoylalanine--D-glutamate ligase'
2 non-polymer "ADENOSINE-5'-DIPHOSPHATE"
3 non-polymer 'MAGNESIUM ION'
4 non-polymer 1,2-ETHANEDIOL
5 non-polymer 'CHLORIDE ION'
6 non-polymer 'CALCIUM ION'
7 water water
#
_entity_poly.entity_id   1
_entity_poly.type   'polypeptide(L)'
_entity_poly.pdbx_seq_one_letter_code
;MAHHHHHHMLIQRGGLKVVAGLGISGVSAVNFLHEQGYQVAVTDSRPTPPGHDQIPAGVKTSFGQLDQELLLQAEEIILS
PGLAPQLPEIQAAIAKGISVVGDIQLLRRATDVPIVAITGSNAKSTVTTLIGLMAKDAGKKVAVGGNLGRPALDLLKDQP
ELLVLELSSFQLETTSHLNAEVAVVLNMSEDHLDRHGNMLGYHQA(KCX)HRIFQGAKKVVFNRDDALSRPLVPDTTPMQ
SFGLNAPDLNQYGVLRDADGTLWLARGLQRLIKSSDLYIQGMHNVANALACLALGEAIGLPMESMLETLKQFKGLEHRCE
YVKTVHDVRYYNDSKGTNVGATLAAIDGLGAAIEVKKGKVALILGGQGKGQDFGPLRSSIEKYAKVVVLIGEDAPVIEQA
IQGATKILHAATLKEAVELCQRETQAEDVVLLSPACASFDMFKSYNDRGQQFVACVNSLV
;
_entity_poly.pdbx_strand_id   A
#
loop_
_chem_comp.id
_chem_comp.type
_chem_comp.name
_chem_comp.formula
ADP non-polymer ADENOSINE-5'-DIPHOSPHATE 'C10 H15 N5 O10 P2'
CA non-polymer 'CALCIUM ION' 'Ca 2'
CL non-polymer 'CHLORIDE ION' 'Cl -1'
EDO non-polymer 1,2-ETHANEDIOL 'C2 H6 O2'
MG non-polymer 'MAGNESIUM ION' 'Mg 2'
#
# COMPACT_ATOMS: atom_id res chain seq x y z
N GLY A 15 -26.30 22.68 3.57
CA GLY A 15 -27.14 22.79 2.39
C GLY A 15 -27.18 21.49 1.62
N LEU A 16 -27.23 21.59 0.29
CA LEU A 16 -27.19 20.40 -0.54
C LEU A 16 -25.80 19.77 -0.46
N LYS A 17 -25.76 18.46 -0.21
CA LYS A 17 -24.53 17.68 -0.32
C LYS A 17 -24.56 16.97 -1.66
N VAL A 18 -23.52 17.16 -2.47
CA VAL A 18 -23.44 16.50 -3.77
C VAL A 18 -22.30 15.50 -3.74
N VAL A 19 -22.66 14.23 -3.87
CA VAL A 19 -21.66 13.16 -3.97
C VAL A 19 -21.22 13.08 -5.43
N ALA A 20 -19.93 13.27 -5.68
CA ALA A 20 -19.37 13.23 -7.03
C ALA A 20 -18.61 11.92 -7.19
N GLY A 21 -19.18 11.01 -7.99
CA GLY A 21 -18.64 9.68 -8.15
C GLY A 21 -19.31 8.69 -7.22
N LEU A 22 -19.94 7.66 -7.78
CA LEU A 22 -20.60 6.67 -6.95
C LEU A 22 -19.61 5.60 -6.49
N GLY A 23 -19.75 4.37 -6.99
CA GLY A 23 -18.89 3.32 -6.52
C GLY A 23 -19.16 3.00 -5.06
N ILE A 24 -18.25 2.21 -4.48
CA ILE A 24 -18.47 1.66 -3.14
C ILE A 24 -18.46 2.77 -2.10
N SER A 25 -17.45 3.64 -2.14
CA SER A 25 -17.39 4.73 -1.16
C SER A 25 -18.47 5.76 -1.40
N GLY A 26 -18.82 6.03 -2.67
CA GLY A 26 -19.90 6.96 -2.95
C GLY A 26 -21.24 6.48 -2.43
N VAL A 27 -21.53 5.19 -2.59
CA VAL A 27 -22.73 4.62 -1.99
C VAL A 27 -22.69 4.78 -0.48
N SER A 28 -21.53 4.54 0.14
CA SER A 28 -21.39 4.71 1.57
C SER A 28 -21.71 6.15 1.99
N ALA A 29 -21.21 7.13 1.23
CA ALA A 29 -21.42 8.52 1.60
C ALA A 29 -22.87 8.94 1.41
N VAL A 30 -23.50 8.56 0.29
CA VAL A 30 -24.90 8.88 0.07
C VAL A 30 -25.76 8.35 1.20
N ASN A 31 -25.58 7.08 1.56
CA ASN A 31 -26.44 6.49 2.57
C ASN A 31 -26.20 7.10 3.94
N PHE A 32 -24.92 7.33 4.28
CA PHE A 32 -24.61 7.95 5.56
C PHE A 32 -25.24 9.34 5.66
N LEU A 33 -25.08 10.15 4.61
CA LEU A 33 -25.60 11.51 4.65
C LEU A 33 -27.12 11.53 4.69
N HIS A 34 -27.76 10.59 4.01
CA HIS A 34 -29.21 10.52 4.04
C HIS A 34 -29.71 10.16 5.43
N GLU A 35 -29.06 9.18 6.08
CA GLU A 35 -29.46 8.78 7.42
C GLU A 35 -29.32 9.93 8.41
N GLN A 36 -28.25 10.73 8.28
CA GLN A 36 -28.04 11.84 9.19
C GLN A 36 -28.94 13.04 8.88
N GLY A 37 -29.83 12.92 7.89
CA GLY A 37 -30.82 13.95 7.64
C GLY A 37 -30.37 15.09 6.76
N TYR A 38 -29.52 14.81 5.77
CA TYR A 38 -29.07 15.82 4.82
C TYR A 38 -29.79 15.66 3.49
N GLN A 39 -29.88 16.76 2.75
CA GLN A 39 -30.32 16.70 1.36
C GLN A 39 -29.13 16.30 0.50
N VAL A 40 -29.23 15.16 -0.17
CA VAL A 40 -28.11 14.56 -0.88
C VAL A 40 -28.50 14.34 -2.34
N ALA A 41 -27.68 14.87 -3.24
CA ALA A 41 -27.71 14.55 -4.65
C ALA A 41 -26.40 13.85 -5.01
N VAL A 42 -26.42 13.13 -6.13
CA VAL A 42 -25.25 12.38 -6.56
C VAL A 42 -25.12 12.50 -8.07
N THR A 43 -23.89 12.62 -8.55
CA THR A 43 -23.61 12.69 -9.97
C THR A 43 -22.40 11.82 -10.29
N ASP A 44 -22.39 11.26 -11.50
CA ASP A 44 -21.36 10.35 -11.96
C ASP A 44 -21.34 10.41 -13.49
N SER A 45 -20.16 10.32 -14.08
CA SER A 45 -20.06 10.40 -15.53
C SER A 45 -20.48 9.11 -16.22
N ARG A 46 -20.20 7.95 -15.61
CA ARG A 46 -20.58 6.68 -16.19
C ARG A 46 -22.10 6.59 -16.32
N PRO A 47 -22.60 5.94 -17.38
CA PRO A 47 -24.04 5.99 -17.70
C PRO A 47 -24.94 5.46 -16.58
N THR A 48 -24.76 4.19 -16.21
CA THR A 48 -25.45 3.59 -15.08
C THR A 48 -24.40 3.14 -14.06
N PRO A 49 -24.13 3.93 -13.03
CA PRO A 49 -22.91 3.72 -12.24
C PRO A 49 -23.07 2.56 -11.27
N PRO A 50 -21.97 1.86 -10.97
CA PRO A 50 -22.01 0.84 -9.91
C PRO A 50 -22.57 1.41 -8.62
N GLY A 51 -23.56 0.73 -8.07
CA GLY A 51 -24.26 1.21 -6.90
C GLY A 51 -25.54 1.96 -7.20
N HIS A 52 -25.96 2.03 -8.46
CA HIS A 52 -27.26 2.60 -8.78
C HIS A 52 -28.36 1.90 -8.01
N ASP A 53 -28.31 0.57 -7.95
CA ASP A 53 -29.31 -0.22 -7.24
C ASP A 53 -29.18 -0.15 -5.73
N GLN A 54 -28.14 0.51 -5.20
CA GLN A 54 -27.87 0.53 -3.77
C GLN A 54 -28.09 1.91 -3.16
N ILE A 55 -28.85 2.78 -3.83
CA ILE A 55 -29.07 4.14 -3.37
C ILE A 55 -30.53 4.30 -2.96
N PRO A 56 -30.83 5.12 -1.95
CA PRO A 56 -32.23 5.30 -1.57
C PRO A 56 -32.98 6.15 -2.58
N ALA A 57 -34.19 5.69 -2.93
CA ALA A 57 -35.05 6.49 -3.81
C ALA A 57 -35.39 7.81 -3.14
N GLY A 58 -35.49 8.86 -3.94
CA GLY A 58 -35.61 10.21 -3.44
C GLY A 58 -34.30 10.98 -3.41
N VAL A 59 -33.17 10.28 -3.43
CA VAL A 59 -31.89 10.94 -3.67
C VAL A 59 -31.85 11.38 -5.13
N LYS A 60 -31.71 12.68 -5.35
CA LYS A 60 -31.57 13.18 -6.72
C LYS A 60 -30.30 12.63 -7.35
N THR A 61 -30.44 12.09 -8.56
CA THR A 61 -29.33 11.49 -9.29
C THR A 61 -29.17 12.15 -10.65
N SER A 62 -27.93 12.52 -10.99
CA SER A 62 -27.59 13.11 -12.29
C SER A 62 -26.46 12.25 -12.87
N PHE A 63 -26.83 11.15 -13.50
CA PHE A 63 -25.88 10.21 -14.07
C PHE A 63 -25.74 10.45 -15.57
N GLY A 64 -24.68 9.88 -16.14
CA GLY A 64 -24.36 10.08 -17.54
C GLY A 64 -23.42 11.24 -17.79
N GLN A 65 -23.48 12.28 -16.96
CA GLN A 65 -22.57 13.41 -17.06
C GLN A 65 -22.25 13.93 -15.67
N LEU A 66 -20.97 14.19 -15.41
CA LEU A 66 -20.58 14.89 -14.19
CA LEU A 66 -20.59 14.90 -14.20
C LEU A 66 -21.26 16.26 -14.21
N ASP A 67 -22.34 16.39 -13.44
CA ASP A 67 -23.24 17.55 -13.56
C ASP A 67 -22.58 18.80 -12.99
N GLN A 68 -22.09 19.65 -13.90
CA GLN A 68 -21.41 20.86 -13.44
CA GLN A 68 -21.42 20.88 -13.45
C GLN A 68 -22.38 21.81 -12.73
N GLU A 69 -23.60 21.95 -13.26
CA GLU A 69 -24.58 22.84 -12.61
C GLU A 69 -24.96 22.32 -11.23
N LEU A 70 -25.19 21.02 -11.10
CA LEU A 70 -25.49 20.44 -9.80
C LEU A 70 -24.34 20.62 -8.83
N LEU A 71 -23.11 20.40 -9.31
CA LEU A 71 -21.94 20.60 -8.44
C LEU A 71 -21.85 22.05 -7.98
N LEU A 72 -22.22 23.00 -8.83
CA LEU A 72 -22.20 24.39 -8.41
C LEU A 72 -23.37 24.74 -7.49
N GLN A 73 -24.41 23.90 -7.47
CA GLN A 73 -25.50 24.03 -6.50
C GLN A 73 -25.13 23.54 -5.11
N ALA A 74 -23.96 22.96 -4.92
CA ALA A 74 -23.64 22.26 -3.68
C ALA A 74 -23.20 23.23 -2.58
N GLU A 75 -23.62 22.93 -1.34
CA GLU A 75 -22.94 23.49 -0.18
C GLU A 75 -21.61 22.79 0.05
N GLU A 76 -21.55 21.50 -0.24
CA GLU A 76 -20.31 20.74 -0.10
C GLU A 76 -20.37 19.57 -1.07
N ILE A 77 -19.22 19.25 -1.66
CA ILE A 77 -19.07 18.15 -2.59
C ILE A 77 -18.28 17.04 -1.90
N ILE A 78 -18.78 15.81 -1.98
CA ILE A 78 -18.06 14.65 -1.45
C ILE A 78 -17.45 13.94 -2.64
N LEU A 79 -16.15 14.13 -2.85
CA LEU A 79 -15.48 13.68 -4.07
C LEU A 79 -14.91 12.27 -3.89
N SER A 80 -15.27 11.37 -4.82
CA SER A 80 -14.68 10.03 -4.82
C SER A 80 -13.18 10.11 -5.02
N PRO A 81 -12.39 9.26 -4.34
CA PRO A 81 -10.94 9.25 -4.57
C PRO A 81 -10.57 8.86 -5.98
N GLY A 82 -11.49 8.26 -6.75
CA GLY A 82 -11.23 7.97 -8.14
C GLY A 82 -11.35 9.16 -9.07
N LEU A 83 -11.80 10.31 -8.57
CA LEU A 83 -11.94 11.52 -9.37
C LEU A 83 -10.94 12.56 -8.87
N ALA A 84 -10.16 13.11 -9.79
CA ALA A 84 -9.14 14.08 -9.38
C ALA A 84 -9.79 15.41 -9.02
N PRO A 85 -9.32 16.06 -7.95
CA PRO A 85 -9.77 17.44 -7.70
C PRO A 85 -9.41 18.37 -8.83
N GLN A 86 -8.48 17.97 -9.68
CA GLN A 86 -8.03 18.80 -10.79
C GLN A 86 -8.99 18.78 -11.97
N LEU A 87 -10.03 17.93 -11.93
CA LEU A 87 -11.03 17.91 -12.98
C LEU A 87 -11.65 19.29 -13.17
N PRO A 88 -11.95 19.69 -14.40
CA PRO A 88 -12.47 21.05 -14.62
C PRO A 88 -13.78 21.32 -13.90
N GLU A 89 -14.67 20.32 -13.80
CA GLU A 89 -15.93 20.52 -13.08
C GLU A 89 -15.68 20.77 -11.61
N ILE A 90 -14.68 20.10 -11.02
CA ILE A 90 -14.35 20.31 -9.62
C ILE A 90 -13.61 21.62 -9.43
N GLN A 91 -12.72 21.96 -10.37
CA GLN A 91 -12.05 23.26 -10.32
C GLN A 91 -13.06 24.41 -10.34
N ALA A 92 -14.12 24.30 -11.15
CA ALA A 92 -15.13 25.35 -11.16
C ALA A 92 -15.82 25.48 -9.81
N ALA A 93 -16.01 24.36 -9.10
CA ALA A 93 -16.62 24.45 -7.78
C ALA A 93 -15.67 25.07 -6.77
N ILE A 94 -14.40 24.67 -6.78
CA ILE A 94 -13.43 25.23 -5.83
C ILE A 94 -13.29 26.73 -6.04
N ALA A 95 -13.34 27.18 -7.30
CA ALA A 95 -13.25 28.61 -7.59
C ALA A 95 -14.46 29.37 -7.05
N LYS A 96 -15.63 28.73 -7.01
CA LYS A 96 -16.80 29.35 -6.40
C LYS A 96 -16.76 29.32 -4.88
N GLY A 97 -15.79 28.64 -4.28
CA GLY A 97 -15.69 28.56 -2.83
C GLY A 97 -16.36 27.37 -2.20
N ILE A 98 -16.78 26.38 -2.99
CA ILE A 98 -17.51 25.24 -2.46
C ILE A 98 -16.54 24.26 -1.84
N SER A 99 -16.86 23.79 -0.63
CA SER A 99 -16.06 22.78 0.05
C SER A 99 -16.05 21.48 -0.75
N VAL A 100 -14.85 20.94 -0.97
CA VAL A 100 -14.66 19.66 -1.63
C VAL A 100 -13.88 18.78 -0.66
N VAL A 101 -14.53 17.73 -0.16
CA VAL A 101 -13.95 16.80 0.81
C VAL A 101 -14.26 15.37 0.34
N GLY A 102 -13.78 14.39 1.11
CA GLY A 102 -14.04 13.00 0.80
C GLY A 102 -14.75 12.32 1.95
N ASP A 103 -14.94 11.01 1.79
CA ASP A 103 -15.67 10.29 2.85
C ASP A 103 -14.87 10.21 4.14
N ILE A 104 -13.52 10.23 4.07
CA ILE A 104 -12.72 10.26 5.28
C ILE A 104 -13.02 11.50 6.12
N GLN A 105 -13.24 12.65 5.46
CA GLN A 105 -13.63 13.85 6.21
C GLN A 105 -14.95 13.64 6.92
N LEU A 106 -15.91 12.98 6.27
CA LEU A 106 -17.18 12.70 6.92
C LEU A 106 -16.98 11.83 8.15
N LEU A 107 -16.13 10.82 8.02
CA LEU A 107 -15.84 9.95 9.16
C LEU A 107 -15.23 10.75 10.30
N ARG A 108 -14.23 11.59 9.99
CA ARG A 108 -13.58 12.37 11.04
C ARG A 108 -14.59 13.22 11.80
N ARG A 109 -15.53 13.84 11.08
CA ARG A 109 -16.54 14.66 11.74
C ARG A 109 -17.50 13.85 12.57
N ALA A 110 -17.73 12.58 12.19
CA ALA A 110 -18.76 11.77 12.82
C ALA A 110 -18.30 11.10 14.11
N THR A 111 -17.01 11.01 14.39
CA THR A 111 -16.54 10.26 15.53
C THR A 111 -15.39 10.97 16.23
N ASP A 112 -15.30 10.77 17.53
CA ASP A 112 -14.18 11.28 18.31
C ASP A 112 -13.19 10.19 18.68
N VAL A 113 -13.39 8.96 18.22
CA VAL A 113 -12.52 7.89 18.68
C VAL A 113 -11.13 8.03 18.06
N PRO A 114 -10.11 7.51 18.73
CA PRO A 114 -8.73 7.61 18.21
C PRO A 114 -8.57 6.89 16.89
N ILE A 115 -7.82 7.53 15.99
CA ILE A 115 -7.53 7.00 14.67
C ILE A 115 -6.05 6.71 14.57
N VAL A 116 -5.71 5.48 14.18
CA VAL A 116 -4.38 5.13 13.71
C VAL A 116 -4.39 5.29 12.19
N ALA A 117 -3.58 6.20 11.65
CA ALA A 117 -3.66 6.54 10.23
C ALA A 117 -2.38 6.09 9.53
N ILE A 118 -2.52 5.29 8.47
CA ILE A 118 -1.39 4.65 7.81
C ILE A 118 -1.43 4.94 6.31
N THR A 119 -0.33 5.49 5.79
CA THR A 119 -0.18 5.56 4.34
C THR A 119 1.25 5.22 3.96
N GLY A 120 1.57 5.30 2.68
CA GLY A 120 2.86 4.92 2.13
C GLY A 120 2.68 4.39 0.74
N SER A 121 3.76 4.39 -0.04
CA SER A 121 3.65 3.92 -1.42
C SER A 121 3.41 2.42 -1.47
N ASN A 122 4.08 1.67 -0.60
CA ASN A 122 3.89 0.24 -0.44
C ASN A 122 3.75 -0.07 1.04
N ALA A 123 3.25 -1.27 1.31
CA ALA A 123 3.11 -1.88 2.63
C ALA A 123 1.90 -1.39 3.40
N LYS A 124 1.03 -0.55 2.84
CA LYS A 124 -0.12 -0.04 3.60
C LYS A 124 -1.00 -1.18 4.08
N SER A 125 -1.44 -2.04 3.17
CA SER A 125 -2.38 -3.09 3.59
CA SER A 125 -2.38 -3.08 3.59
C SER A 125 -1.69 -4.10 4.50
N THR A 126 -0.43 -4.43 4.23
CA THR A 126 0.29 -5.35 5.11
C THR A 126 0.35 -4.77 6.54
N VAL A 127 0.81 -3.53 6.68
CA VAL A 127 0.95 -2.90 8.00
C VAL A 127 -0.42 -2.68 8.64
N THR A 128 -1.39 -2.20 7.87
CA THR A 128 -2.72 -1.98 8.44
C THR A 128 -3.30 -3.28 8.99
N THR A 129 -3.15 -4.38 8.23
CA THR A 129 -3.70 -5.64 8.70
C THR A 129 -3.00 -6.07 9.99
N LEU A 130 -1.66 -5.97 10.02
CA LEU A 130 -0.89 -6.42 11.17
C LEU A 130 -1.18 -5.59 12.43
N ILE A 131 -1.18 -4.25 12.32
CA ILE A 131 -1.44 -3.48 13.55
C ILE A 131 -2.89 -3.66 13.98
N GLY A 132 -3.81 -3.83 13.03
CA GLY A 132 -5.18 -4.16 13.42
C GLY A 132 -5.25 -5.45 14.21
N LEU A 133 -4.50 -6.48 13.76
CA LEU A 133 -4.46 -7.74 14.50
C LEU A 133 -3.80 -7.56 15.86
N MET A 134 -2.72 -6.75 15.91
CA MET A 134 -2.09 -6.50 17.21
C MET A 134 -3.08 -5.85 18.16
N ALA A 135 -3.87 -4.90 17.67
CA ALA A 135 -4.83 -4.21 18.54
C ALA A 135 -5.92 -5.17 19.00
N LYS A 136 -6.46 -5.96 18.05
CA LYS A 136 -7.50 -6.93 18.40
C LYS A 136 -6.99 -7.93 19.44
N ASP A 137 -5.81 -8.50 19.18
CA ASP A 137 -5.25 -9.49 20.13
C ASP A 137 -4.98 -8.90 21.51
N ALA A 138 -4.68 -7.60 21.57
CA ALA A 138 -4.42 -6.96 22.87
C ALA A 138 -5.70 -6.62 23.62
N GLY A 139 -6.87 -6.81 23.01
CA GLY A 139 -8.13 -6.55 23.67
C GLY A 139 -8.85 -5.28 23.25
N LYS A 140 -8.39 -4.60 22.20
CA LYS A 140 -9.04 -3.38 21.75
C LYS A 140 -10.27 -3.70 20.91
N LYS A 141 -11.32 -2.89 21.09
CA LYS A 141 -12.49 -2.97 20.22
C LYS A 141 -12.19 -2.13 18.98
N VAL A 142 -11.42 -2.73 18.07
CA VAL A 142 -10.87 -1.99 16.92
C VAL A 142 -11.68 -2.28 15.67
N ALA A 143 -11.82 -1.26 14.82
CA ALA A 143 -12.36 -1.44 13.48
C ALA A 143 -11.31 -1.01 12.47
N VAL A 144 -11.14 -1.82 11.41
CA VAL A 144 -10.04 -1.63 10.47
C VAL A 144 -10.61 -1.42 9.07
N GLY A 145 -10.19 -0.36 8.40
CA GLY A 145 -10.67 -0.19 7.03
C GLY A 145 -10.07 1.00 6.32
N GLY A 146 -10.80 1.52 5.33
CA GLY A 146 -10.34 2.64 4.53
C GLY A 146 -10.00 2.27 3.11
N ASN A 147 -9.58 1.02 2.90
CA ASN A 147 -9.26 0.53 1.57
C ASN A 147 -10.54 0.30 0.77
N LEU A 148 -10.37 0.06 -0.54
CA LEU A 148 -11.51 -0.25 -1.38
C LEU A 148 -12.23 -1.47 -0.83
N GLY A 149 -13.56 -1.37 -0.70
CA GLY A 149 -14.36 -2.44 -0.17
C GLY A 149 -14.50 -2.43 1.34
N ARG A 150 -13.76 -1.58 2.04
CA ARG A 150 -13.93 -1.39 3.49
C ARG A 150 -14.20 0.08 3.77
N PRO A 151 -15.29 0.63 3.23
CA PRO A 151 -15.52 2.08 3.32
C PRO A 151 -15.52 2.55 4.75
N ALA A 152 -14.84 3.68 4.98
CA ALA A 152 -14.55 4.11 6.34
C ALA A 152 -15.82 4.40 7.12
N LEU A 153 -16.85 4.94 6.45
CA LEU A 153 -18.07 5.30 7.18
C LEU A 153 -18.79 4.08 7.74
N ASP A 154 -18.70 2.93 7.05
CA ASP A 154 -19.32 1.73 7.59
C ASP A 154 -18.64 1.25 8.86
N LEU A 155 -17.42 1.73 9.16
CA LEU A 155 -16.75 1.28 10.38
C LEU A 155 -17.43 1.76 11.64
N LEU A 156 -18.26 2.82 11.55
CA LEU A 156 -18.93 3.35 12.72
C LEU A 156 -20.02 2.42 13.22
N LYS A 157 -20.48 1.49 12.39
CA LYS A 157 -21.67 0.70 12.70
C LYS A 157 -21.51 -0.06 14.02
N ASP A 158 -20.36 -0.68 14.24
CA ASP A 158 -20.22 -1.50 15.43
C ASP A 158 -19.65 -0.72 16.63
N GLN A 159 -19.68 0.61 16.59
CA GLN A 159 -19.24 1.46 17.70
C GLN A 159 -17.87 1.08 18.25
N PRO A 160 -16.85 1.06 17.40
CA PRO A 160 -15.50 0.71 17.86
C PRO A 160 -14.94 1.76 18.80
N GLU A 161 -13.98 1.35 19.62
CA GLU A 161 -13.27 2.30 20.48
C GLU A 161 -12.02 2.84 19.82
N LEU A 162 -11.61 2.26 18.70
CA LEU A 162 -10.36 2.55 18.02
C LEU A 162 -10.54 2.28 16.54
N LEU A 163 -10.06 3.19 15.70
CA LEU A 163 -10.10 3.01 14.24
C LEU A 163 -8.68 2.88 13.71
N VAL A 164 -8.47 1.91 12.84
CA VAL A 164 -7.21 1.79 12.11
C VAL A 164 -7.54 2.00 10.64
N LEU A 165 -6.99 3.07 10.06
CA LEU A 165 -7.35 3.45 8.70
C LEU A 165 -6.14 3.32 7.79
N GLU A 166 -6.30 2.51 6.73
CA GLU A 166 -5.40 2.53 5.60
C GLU A 166 -5.85 3.64 4.67
N LEU A 167 -4.98 4.64 4.39
CA LEU A 167 -5.41 5.81 3.64
C LEU A 167 -4.52 5.98 2.43
N SER A 168 -5.13 6.15 1.26
CA SER A 168 -4.36 6.36 0.05
C SER A 168 -4.01 7.84 -0.10
N SER A 169 -3.01 8.10 -0.94
CA SER A 169 -2.72 9.50 -1.27
C SER A 169 -3.93 10.21 -1.86
N PHE A 170 -4.77 9.50 -2.61
CA PHE A 170 -5.97 10.12 -3.18
C PHE A 170 -6.96 10.51 -2.09
N GLN A 171 -7.15 9.63 -1.11
CA GLN A 171 -8.04 9.97 -0.01
C GLN A 171 -7.48 11.11 0.84
N LEU A 172 -6.17 11.10 1.08
CA LEU A 172 -5.57 12.13 1.93
C LEU A 172 -5.63 13.51 1.28
N GLU A 173 -5.63 13.57 -0.07
CA GLU A 173 -5.66 14.85 -0.78
C GLU A 173 -6.86 15.70 -0.37
N THR A 174 -7.98 15.06 -0.03
CA THR A 174 -9.21 15.77 0.29
C THR A 174 -9.53 15.69 1.77
N THR A 175 -8.53 15.41 2.60
CA THR A 175 -8.70 15.27 4.05
C THR A 175 -7.93 16.37 4.78
N SER A 176 -8.60 17.02 5.73
CA SER A 176 -8.00 18.09 6.51
C SER A 176 -8.23 17.83 7.98
N HIS A 177 -7.26 18.22 8.81
CA HIS A 177 -7.40 18.12 10.27
C HIS A 177 -7.77 16.70 10.70
N LEU A 178 -7.07 15.72 10.11
CA LEU A 178 -7.34 14.32 10.45
C LEU A 178 -7.18 14.07 11.95
N ASN A 179 -6.26 14.80 12.60
CA ASN A 179 -6.09 14.73 14.06
C ASN A 179 -5.92 13.29 14.52
N ALA A 180 -5.08 12.55 13.80
CA ALA A 180 -4.82 11.15 14.13
C ALA A 180 -4.19 11.01 15.50
N GLU A 181 -4.55 9.93 16.20
CA GLU A 181 -3.85 9.59 17.43
C GLU A 181 -2.38 9.26 17.14
N VAL A 182 -2.11 8.56 16.05
CA VAL A 182 -0.74 8.38 15.55
C VAL A 182 -0.85 8.22 14.04
N ALA A 183 0.13 8.78 13.31
CA ALA A 183 0.12 8.75 11.85
C ALA A 183 1.52 8.36 11.36
N VAL A 184 1.55 7.71 10.19
CA VAL A 184 2.82 7.31 9.57
C VAL A 184 2.69 7.34 8.05
N VAL A 185 3.76 7.81 7.39
CA VAL A 185 4.03 7.55 5.98
C VAL A 185 5.14 6.51 5.94
N LEU A 186 4.78 5.26 5.58
CA LEU A 186 5.72 4.14 5.76
C LEU A 186 6.96 4.30 4.90
N ASN A 187 6.79 4.74 3.66
CA ASN A 187 7.82 4.82 2.63
C ASN A 187 7.18 5.56 1.47
N MET A 188 8.03 6.08 0.58
CA MET A 188 7.54 6.60 -0.69
C MET A 188 8.46 6.19 -1.83
N SER A 189 7.84 5.88 -2.95
CA SER A 189 8.55 5.60 -4.20
C SER A 189 7.63 6.01 -5.35
N GLU A 190 8.12 5.94 -6.57
CA GLU A 190 7.36 6.41 -7.72
C GLU A 190 6.04 5.62 -7.92
N ASP A 191 4.91 6.31 -7.79
CA ASP A 191 3.60 5.75 -8.10
C ASP A 191 2.62 6.92 -8.17
N HIS A 192 1.52 6.70 -8.89
CA HIS A 192 0.37 7.59 -8.90
C HIS A 192 0.72 8.97 -9.45
N LEU A 193 1.76 9.06 -10.28
CA LEU A 193 2.11 10.35 -10.85
C LEU A 193 1.19 10.74 -11.98
N ASP A 194 0.43 9.79 -12.54
CA ASP A 194 -0.60 10.18 -13.50
C ASP A 194 -1.61 11.14 -12.88
N ARG A 195 -1.87 10.98 -11.58
CA ARG A 195 -2.79 11.88 -10.88
C ARG A 195 -2.05 13.06 -10.26
N HIS A 196 -0.97 12.79 -9.53
CA HIS A 196 -0.35 13.84 -8.72
C HIS A 196 0.64 14.67 -9.50
N GLY A 197 0.98 14.25 -10.71
CA GLY A 197 1.88 15.01 -11.56
C GLY A 197 3.34 14.74 -11.35
N ASN A 198 3.80 14.89 -10.10
CA ASN A 198 5.21 14.66 -9.78
C ASN A 198 5.32 14.26 -8.32
N MET A 199 6.55 13.93 -7.89
CA MET A 199 6.74 13.47 -6.52
C MET A 199 6.41 14.58 -5.51
N LEU A 200 6.59 15.84 -5.90
CA LEU A 200 6.16 16.96 -5.08
C LEU A 200 4.69 16.85 -4.70
N GLY A 201 3.83 16.75 -5.71
CA GLY A 201 2.41 16.66 -5.45
C GLY A 201 2.05 15.44 -4.65
N TYR A 202 2.72 14.32 -4.95
CA TYR A 202 2.46 13.04 -4.29
C TYR A 202 2.81 13.10 -2.80
N HIS A 203 4.01 13.59 -2.48
CA HIS A 203 4.44 13.74 -1.09
C HIS A 203 3.53 14.70 -0.32
N GLN A 204 3.17 15.83 -0.91
CA GLN A 204 2.30 16.76 -0.20
CA GLN A 204 2.29 16.77 -0.23
C GLN A 204 0.96 16.10 0.12
N ALA A 205 0.44 15.28 -0.79
CA ALA A 205 -0.82 14.62 -0.54
C ALA A 205 -0.70 13.67 0.66
N KCX A 206 0.31 12.80 0.62
CA KCX A 206 0.46 11.85 1.72
CB KCX A 206 1.60 10.87 1.44
CG KCX A 206 1.25 9.81 0.40
CD KCX A 206 2.15 8.60 0.53
CE KCX A 206 1.82 7.57 -0.57
NZ KCX A 206 0.45 7.04 -0.46
C KCX A 206 0.70 12.56 3.05
O KCX A 206 0.19 12.14 4.10
CX KCX A 206 -0.05 6.20 -1.36
OQ1 KCX A 206 0.64 5.82 -2.35
OQ2 KCX A 206 -1.20 5.74 -1.18
N HIS A 207 1.45 13.67 3.03
CA HIS A 207 1.78 14.29 4.29
C HIS A 207 0.64 15.07 4.91
N ARG A 208 -0.52 15.15 4.23
CA ARG A 208 -1.71 15.66 4.91
C ARG A 208 -2.13 14.75 6.04
N ILE A 209 -1.61 13.52 6.08
CA ILE A 209 -1.96 12.59 7.15
C ILE A 209 -1.48 13.09 8.51
N PHE A 210 -0.59 14.09 8.54
CA PHE A 210 -0.02 14.57 9.78
C PHE A 210 -0.73 15.78 10.34
N GLN A 211 -1.76 16.29 9.67
CA GLN A 211 -2.44 17.48 10.17
C GLN A 211 -3.09 17.17 11.52
N GLY A 212 -2.65 17.89 12.54
CA GLY A 212 -3.18 17.66 13.87
C GLY A 212 -2.74 16.37 14.51
N ALA A 213 -1.77 15.67 13.93
CA ALA A 213 -1.36 14.38 14.48
C ALA A 213 -0.86 14.52 15.91
N LYS A 214 -1.33 13.63 16.78
CA LYS A 214 -0.92 13.69 18.17
C LYS A 214 0.43 13.05 18.42
N LYS A 215 0.77 12.04 17.61
CA LYS A 215 2.04 11.33 17.65
CA LYS A 215 2.04 11.33 17.65
C LYS A 215 2.41 10.97 16.22
N VAL A 216 3.71 10.87 15.95
CA VAL A 216 4.22 10.52 14.62
C VAL A 216 5.16 9.33 14.72
N VAL A 217 5.00 8.37 13.82
CA VAL A 217 5.99 7.34 13.55
C VAL A 217 6.59 7.63 12.18
N PHE A 218 7.92 7.49 12.04
CA PHE A 218 8.50 7.69 10.72
C PHE A 218 9.65 6.73 10.47
N ASN A 219 9.98 6.58 9.19
CA ASN A 219 11.01 5.67 8.69
C ASN A 219 12.32 6.44 8.60
N ARG A 220 13.31 6.09 9.44
CA ARG A 220 14.64 6.72 9.39
C ARG A 220 15.30 6.56 8.04
N ASP A 221 14.96 5.51 7.31
CA ASP A 221 15.67 5.13 6.11
C ASP A 221 15.02 5.68 4.85
N ASP A 222 13.99 6.50 4.99
CA ASP A 222 13.28 7.08 3.85
C ASP A 222 13.09 8.55 4.12
N ALA A 223 13.79 9.39 3.36
CA ALA A 223 13.76 10.82 3.60
C ALA A 223 12.35 11.38 3.47
N LEU A 224 11.50 10.75 2.65
CA LEU A 224 10.15 11.27 2.40
C LEU A 224 9.14 10.80 3.44
N SER A 225 9.60 10.13 4.50
CA SER A 225 8.72 9.67 5.59
C SER A 225 8.61 10.68 6.73
N ARG A 226 9.71 11.32 7.09
CA ARG A 226 9.72 12.16 8.28
C ARG A 226 8.97 13.47 8.01
N PRO A 227 7.99 13.83 8.83
CA PRO A 227 7.23 15.06 8.58
C PRO A 227 7.80 16.26 9.32
N LEU A 228 7.35 17.42 8.89
CA LEU A 228 7.60 18.65 9.62
C LEU A 228 6.37 18.90 10.49
N VAL A 229 6.52 18.73 11.80
CA VAL A 229 5.44 18.90 12.76
C VAL A 229 5.96 19.76 13.91
N PRO A 230 5.08 20.30 14.74
CA PRO A 230 5.56 21.16 15.83
C PRO A 230 6.46 20.39 16.80
N ASP A 231 7.35 21.14 17.46
CA ASP A 231 8.30 20.55 18.39
C ASP A 231 7.63 19.81 19.53
N THR A 232 6.39 20.17 19.87
CA THR A 232 5.67 19.47 20.92
C THR A 232 5.12 18.12 20.49
N THR A 233 5.17 17.78 19.20
CA THR A 233 4.60 16.52 18.71
C THR A 233 5.58 15.37 18.93
N PRO A 234 5.24 14.37 19.75
CA PRO A 234 6.14 13.24 19.96
C PRO A 234 6.39 12.47 18.67
N MET A 235 7.65 12.09 18.45
CA MET A 235 8.01 11.29 17.28
C MET A 235 8.84 10.10 17.69
N GLN A 236 8.61 8.97 17.01
CA GLN A 236 9.39 7.75 17.22
C GLN A 236 9.69 7.17 15.84
N SER A 237 10.90 6.64 15.66
CA SER A 237 11.31 6.17 14.35
C SER A 237 11.59 4.68 14.36
N PHE A 238 11.49 4.09 13.16
CA PHE A 238 12.00 2.76 12.90
C PHE A 238 13.00 2.83 11.76
N GLY A 239 13.88 1.83 11.70
CA GLY A 239 14.90 1.77 10.67
C GLY A 239 15.62 0.44 10.77
N LEU A 240 16.46 0.19 9.78
CA LEU A 240 17.14 -1.11 9.70
C LEU A 240 18.57 -1.02 10.16
N ASN A 241 18.78 -0.30 11.26
CA ASN A 241 20.07 -0.16 11.88
C ASN A 241 19.89 -0.23 13.39
N ALA A 242 21.00 -0.20 14.10
CA ALA A 242 20.97 -0.17 15.55
C ALA A 242 20.26 1.07 16.04
N PRO A 243 19.17 0.94 16.79
CA PRO A 243 18.37 2.10 17.14
C PRO A 243 18.97 2.90 18.29
N ASP A 244 18.70 4.21 18.26
CA ASP A 244 18.98 5.04 19.41
C ASP A 244 18.02 4.69 20.55
N LEU A 245 18.28 5.28 21.72
CA LEU A 245 17.42 5.11 22.86
C LEU A 245 15.97 5.41 22.48
N ASN A 246 15.08 4.48 22.80
CA ASN A 246 13.64 4.57 22.57
C ASN A 246 13.26 4.62 21.08
N GLN A 247 14.08 4.12 20.17
CA GLN A 247 13.69 3.96 18.79
C GLN A 247 13.70 2.47 18.42
N TYR A 248 13.05 2.15 17.30
CA TYR A 248 12.98 0.78 16.81
C TYR A 248 14.03 0.55 15.75
N GLY A 249 14.61 -0.65 15.75
CA GLY A 249 15.59 -1.01 14.74
C GLY A 249 16.00 -2.46 14.83
N VAL A 250 17.23 -2.74 14.46
CA VAL A 250 17.70 -4.12 14.43
C VAL A 250 19.01 -4.19 15.20
N LEU A 251 19.18 -5.27 15.93
CA LEU A 251 20.42 -5.58 16.62
C LEU A 251 20.92 -6.95 16.18
N ARG A 252 22.22 -7.08 15.99
CA ARG A 252 22.81 -8.35 15.60
C ARG A 252 23.61 -8.92 16.76
N ASP A 253 23.42 -10.20 17.03
CA ASP A 253 24.30 -10.86 17.99
C ASP A 253 25.70 -10.90 17.44
N ALA A 254 26.66 -11.22 18.32
CA ALA A 254 28.04 -11.32 17.90
C ALA A 254 28.21 -12.28 16.73
N ASP A 255 27.40 -13.35 16.67
CA ASP A 255 27.51 -14.30 15.57
CA ASP A 255 27.49 -14.31 15.57
C ASP A 255 26.73 -13.88 14.33
N GLY A 256 26.06 -12.73 14.36
CA GLY A 256 25.33 -12.22 13.20
C GLY A 256 23.82 -12.35 13.30
N THR A 257 23.30 -13.12 14.25
CA THR A 257 21.86 -13.35 14.35
C THR A 257 21.12 -12.02 14.48
N LEU A 258 20.10 -11.82 13.64
CA LEU A 258 19.40 -10.55 13.55
C LEU A 258 18.16 -10.55 14.44
N TRP A 259 18.04 -9.51 15.26
CA TRP A 259 16.88 -9.33 16.13
C TRP A 259 16.20 -8.00 15.84
N LEU A 260 14.86 -8.03 15.81
CA LEU A 260 14.12 -6.79 15.98
C LEU A 260 14.39 -6.26 17.38
N ALA A 261 14.53 -4.95 17.52
CA ALA A 261 15.01 -4.36 18.77
C ALA A 261 14.36 -3.00 19.00
N ARG A 262 14.35 -2.59 20.27
CA ARG A 262 14.00 -1.23 20.66
C ARG A 262 15.11 -0.73 21.56
N GLY A 263 15.81 0.31 21.11
CA GLY A 263 17.01 0.74 21.83
C GLY A 263 18.01 -0.38 21.90
N LEU A 264 18.43 -0.71 23.12
CA LEU A 264 19.36 -1.82 23.35
C LEU A 264 18.66 -3.15 23.61
N GLN A 265 17.33 -3.18 23.70
CA GLN A 265 16.60 -4.42 23.99
C GLN A 265 16.29 -5.20 22.72
N ARG A 266 16.69 -6.47 22.69
CA ARG A 266 16.36 -7.38 21.59
CA ARG A 266 16.35 -7.34 21.58
C ARG A 266 14.96 -7.95 21.82
N LEU A 267 14.11 -7.91 20.79
CA LEU A 267 12.70 -8.29 20.94
C LEU A 267 12.35 -9.65 20.37
N ILE A 268 12.70 -9.93 19.11
CA ILE A 268 12.36 -11.20 18.47
C ILE A 268 13.30 -11.38 17.29
N LYS A 269 13.75 -12.63 17.06
CA LYS A 269 14.59 -12.93 15.89
C LYS A 269 13.80 -12.75 14.60
N SER A 270 14.43 -12.16 13.59
CA SER A 270 13.75 -12.08 12.30
C SER A 270 13.50 -13.46 11.71
N SER A 271 14.36 -14.43 12.00
CA SER A 271 14.10 -15.78 11.52
C SER A 271 12.90 -16.46 12.19
N ASP A 272 12.39 -15.90 13.29
CA ASP A 272 11.20 -16.42 13.93
C ASP A 272 9.91 -15.82 13.39
N LEU A 273 10.00 -14.93 12.40
CA LEU A 273 8.81 -14.39 11.74
C LEU A 273 8.46 -15.24 10.53
N TYR A 274 7.17 -15.28 10.20
CA TYR A 274 6.77 -15.87 8.94
C TYR A 274 7.04 -14.91 7.79
N ILE A 275 6.93 -13.61 8.01
CA ILE A 275 7.18 -12.65 6.96
C ILE A 275 8.69 -12.43 6.86
N GLN A 276 9.21 -12.44 5.64
CA GLN A 276 10.64 -12.49 5.40
C GLN A 276 11.09 -11.31 4.55
N GLY A 277 12.38 -11.00 4.65
CA GLY A 277 12.99 -9.89 3.94
C GLY A 277 13.08 -8.67 4.83
N MET A 278 14.15 -7.88 4.64
CA MET A 278 14.33 -6.73 5.52
C MET A 278 13.20 -5.71 5.41
N HIS A 279 12.51 -5.66 4.26
CA HIS A 279 11.36 -4.74 4.19
C HIS A 279 10.23 -5.20 5.08
N ASN A 280 10.08 -6.51 5.28
CA ASN A 280 9.07 -7.00 6.22
C ASN A 280 9.53 -6.84 7.66
N VAL A 281 10.84 -6.92 7.93
CA VAL A 281 11.35 -6.52 9.25
C VAL A 281 10.95 -5.07 9.54
N ALA A 282 11.14 -4.19 8.57
CA ALA A 282 10.76 -2.79 8.74
C ALA A 282 9.25 -2.64 8.93
N ASN A 283 8.45 -3.41 8.18
CA ASN A 283 6.99 -3.36 8.37
C ASN A 283 6.62 -3.76 9.79
N ALA A 284 7.25 -4.83 10.30
CA ALA A 284 6.98 -5.27 11.66
C ALA A 284 7.38 -4.21 12.68
N LEU A 285 8.56 -3.60 12.50
CA LEU A 285 9.00 -2.54 13.40
C LEU A 285 8.05 -1.34 13.38
N ALA A 286 7.56 -0.96 12.19
CA ALA A 286 6.60 0.13 12.11
C ALA A 286 5.35 -0.19 12.92
N CYS A 287 4.88 -1.45 12.84
CA CYS A 287 3.71 -1.85 13.61
C CYS A 287 3.96 -1.82 15.12
N LEU A 288 5.15 -2.23 15.55
CA LEU A 288 5.47 -2.12 16.98
C LEU A 288 5.44 -0.67 17.42
N ALA A 289 5.94 0.25 16.59
CA ALA A 289 5.92 1.66 16.95
C ALA A 289 4.50 2.22 16.98
N LEU A 290 3.67 1.84 16.00
CA LEU A 290 2.26 2.25 16.04
C LEU A 290 1.57 1.70 17.26
N GLY A 291 1.83 0.44 17.58
CA GLY A 291 1.22 -0.16 18.76
C GLY A 291 1.67 0.50 20.04
N GLU A 292 2.97 0.81 20.14
CA GLU A 292 3.44 1.53 21.33
C GLU A 292 2.74 2.88 21.48
N ALA A 293 2.45 3.55 20.36
CA ALA A 293 1.84 4.86 20.43
C ALA A 293 0.43 4.80 20.98
N ILE A 294 -0.26 3.66 20.81
CA ILE A 294 -1.62 3.51 21.31
C ILE A 294 -1.66 2.63 22.56
N GLY A 295 -0.51 2.26 23.10
CA GLY A 295 -0.45 1.62 24.41
C GLY A 295 -0.51 0.10 24.42
N LEU A 296 -0.30 -0.56 23.29
CA LEU A 296 -0.36 -2.00 23.30
C LEU A 296 0.87 -2.56 24.02
N PRO A 297 0.70 -3.59 24.82
CA PRO A 297 1.87 -4.18 25.50
C PRO A 297 2.73 -4.95 24.53
N MET A 298 4.05 -4.87 24.75
CA MET A 298 5.00 -5.51 23.87
C MET A 298 4.82 -7.02 23.81
N GLU A 299 4.56 -7.67 24.95
CA GLU A 299 4.40 -9.13 24.94
C GLU A 299 3.28 -9.56 23.99
N SER A 300 2.16 -8.83 24.00
CA SER A 300 1.05 -9.18 23.12
C SER A 300 1.40 -8.93 21.66
N MET A 301 2.03 -7.79 21.39
CA MET A 301 2.36 -7.46 19.99
C MET A 301 3.25 -8.51 19.37
N LEU A 302 4.21 -9.01 20.14
CA LEU A 302 5.14 -10.01 19.62
C LEU A 302 4.46 -11.34 19.35
N GLU A 303 3.49 -11.73 20.17
CA GLU A 303 2.73 -12.95 19.89
C GLU A 303 1.97 -12.83 18.58
N THR A 304 1.32 -11.69 18.36
CA THR A 304 0.62 -11.46 17.09
C THR A 304 1.59 -11.54 15.94
N LEU A 305 2.74 -10.88 16.08
CA LEU A 305 3.73 -10.83 15.01
C LEU A 305 4.23 -12.22 14.65
N LYS A 306 4.44 -13.09 15.64
CA LYS A 306 4.95 -14.43 15.36
C LYS A 306 4.00 -15.23 14.46
N GLN A 307 2.70 -14.96 14.56
CA GLN A 307 1.72 -15.74 13.84
C GLN A 307 1.34 -15.15 12.49
N PHE A 308 1.71 -13.89 12.23
CA PHE A 308 1.23 -13.20 11.03
C PHE A 308 1.87 -13.77 9.78
N LYS A 309 1.03 -14.16 8.81
CA LYS A 309 1.50 -14.87 7.61
C LYS A 309 1.79 -13.96 6.42
N GLY A 310 1.37 -12.71 6.43
CA GLY A 310 1.50 -11.90 5.24
C GLY A 310 0.36 -12.14 4.27
N LEU A 311 0.26 -11.26 3.30
CA LEU A 311 -0.92 -11.20 2.47
C LEU A 311 -0.67 -11.85 1.11
N GLU A 312 -1.77 -12.25 0.46
CA GLU A 312 -1.68 -12.96 -0.80
C GLU A 312 -1.04 -12.09 -1.89
N HIS A 313 -0.15 -12.68 -2.69
CA HIS A 313 0.54 -12.00 -3.80
C HIS A 313 1.57 -10.97 -3.35
N ARG A 314 1.90 -10.88 -2.04
CA ARG A 314 2.96 -10.00 -1.56
C ARG A 314 4.19 -10.89 -1.35
N CYS A 315 5.07 -10.90 -2.37
CA CYS A 315 6.23 -11.79 -2.47
C CYS A 315 6.02 -13.08 -1.69
N GLU A 316 5.04 -13.86 -2.13
CA GLU A 316 4.49 -14.98 -1.39
C GLU A 316 5.03 -16.32 -1.90
N TYR A 317 5.53 -17.14 -0.99
CA TYR A 317 6.00 -18.46 -1.38
C TYR A 317 4.85 -19.30 -1.93
N VAL A 318 5.07 -19.94 -3.08
CA VAL A 318 4.07 -20.79 -3.71
C VAL A 318 4.38 -22.27 -3.48
N LYS A 319 5.54 -22.71 -3.95
CA LYS A 319 5.88 -24.13 -4.01
C LYS A 319 7.37 -24.26 -4.27
N THR A 320 7.92 -25.41 -3.90
CA THR A 320 9.26 -25.83 -4.31
C THR A 320 9.14 -26.88 -5.41
N VAL A 321 9.80 -26.64 -6.54
CA VAL A 321 9.84 -27.61 -7.64
C VAL A 321 11.31 -27.87 -7.94
N HIS A 322 11.74 -29.13 -7.83
CA HIS A 322 13.14 -29.50 -8.06
C HIS A 322 14.11 -28.60 -7.29
N ASP A 323 13.83 -28.42 -6.00
CA ASP A 323 14.70 -27.70 -5.06
C ASP A 323 14.85 -26.22 -5.42
N VAL A 324 13.91 -25.66 -6.19
CA VAL A 324 13.86 -24.24 -6.50
C VAL A 324 12.55 -23.69 -5.93
N ARG A 325 12.63 -22.63 -5.12
CA ARG A 325 11.43 -22.04 -4.55
C ARG A 325 10.86 -20.98 -5.48
N TYR A 326 9.52 -20.97 -5.61
CA TYR A 326 8.80 -20.07 -6.51
C TYR A 326 8.00 -19.07 -5.68
N TYR A 327 8.10 -17.79 -6.03
CA TYR A 327 7.49 -16.70 -5.28
C TYR A 327 6.58 -15.86 -6.17
N ASN A 328 5.36 -15.63 -5.68
CA ASN A 328 4.33 -14.82 -6.32
C ASN A 328 4.35 -13.44 -5.70
N ASP A 329 4.99 -12.47 -6.38
CA ASP A 329 4.88 -11.06 -6.01
C ASP A 329 4.07 -10.30 -7.05
N SER A 330 2.94 -10.84 -7.45
CA SER A 330 2.11 -10.15 -8.45
C SER A 330 1.64 -8.78 -7.95
N LYS A 331 1.53 -8.58 -6.63
CA LYS A 331 1.15 -7.24 -6.20
CA LYS A 331 1.18 -7.28 -6.06
C LYS A 331 2.32 -6.27 -6.17
N GLY A 332 3.50 -6.71 -6.65
CA GLY A 332 4.61 -5.80 -6.88
C GLY A 332 4.39 -5.05 -8.19
N THR A 333 3.57 -4.01 -8.13
CA THR A 333 3.10 -3.31 -9.32
C THR A 333 3.89 -2.05 -9.59
N ASN A 334 4.96 -1.81 -8.82
CA ASN A 334 5.80 -0.65 -9.03
C ASN A 334 7.24 -1.06 -8.73
N VAL A 335 8.16 -0.21 -9.19
CA VAL A 335 9.59 -0.48 -9.07
C VAL A 335 10.01 -0.62 -7.60
N GLY A 336 9.49 0.22 -6.71
CA GLY A 336 9.92 0.13 -5.32
C GLY A 336 9.58 -1.21 -4.67
N ALA A 337 8.42 -1.77 -5.02
CA ALA A 337 8.03 -3.06 -4.45
C ALA A 337 8.93 -4.17 -4.98
N THR A 338 9.21 -4.13 -6.29
CA THR A 338 10.03 -5.17 -6.89
C THR A 338 11.47 -5.09 -6.39
N LEU A 339 11.99 -3.87 -6.19
CA LEU A 339 13.32 -3.75 -5.59
C LEU A 339 13.39 -4.48 -4.24
N ALA A 340 12.37 -4.29 -3.40
CA ALA A 340 12.36 -4.98 -2.11
C ALA A 340 12.34 -6.49 -2.27
N ALA A 341 11.55 -7.00 -3.23
CA ALA A 341 11.46 -8.45 -3.42
C ALA A 341 12.79 -9.03 -3.88
N ILE A 342 13.43 -8.41 -4.88
CA ILE A 342 14.71 -8.91 -5.38
C ILE A 342 15.75 -8.90 -4.26
N ASP A 343 15.87 -7.77 -3.55
CA ASP A 343 16.85 -7.66 -2.47
C ASP A 343 16.61 -8.68 -1.38
N GLY A 344 15.34 -8.90 -1.04
CA GLY A 344 15.02 -9.83 0.05
C GLY A 344 15.36 -11.27 -0.29
N LEU A 345 14.91 -11.74 -1.45
CA LEU A 345 15.23 -13.10 -1.84
C LEU A 345 16.72 -13.25 -2.14
N GLY A 346 17.31 -12.25 -2.80
CA GLY A 346 18.71 -12.34 -3.15
C GLY A 346 19.60 -12.49 -1.92
N ALA A 347 19.34 -11.66 -0.90
CA ALA A 347 20.14 -11.76 0.32
C ALA A 347 19.90 -13.08 1.03
N ALA A 348 18.68 -13.60 0.97
CA ALA A 348 18.35 -14.81 1.70
C ALA A 348 19.06 -16.04 1.15
N ILE A 349 19.40 -16.06 -0.14
CA ILE A 349 19.97 -17.25 -0.77
C ILE A 349 21.44 -17.08 -1.09
N GLU A 350 22.02 -15.92 -0.78
CA GLU A 350 23.39 -15.59 -1.13
C GLU A 350 24.40 -16.59 -0.56
N VAL A 351 24.22 -16.99 0.71
CA VAL A 351 25.21 -17.86 1.34
C VAL A 351 25.22 -19.24 0.69
N LYS A 352 24.05 -19.75 0.28
CA LYS A 352 23.98 -21.00 -0.46
C LYS A 352 24.30 -20.83 -1.94
N LYS A 353 24.74 -19.63 -2.35
CA LYS A 353 25.12 -19.32 -3.72
C LYS A 353 23.94 -19.43 -4.71
N GLY A 354 22.71 -19.21 -4.22
CA GLY A 354 21.58 -19.13 -5.12
C GLY A 354 21.46 -17.77 -5.78
N LYS A 355 20.74 -17.74 -6.89
CA LYS A 355 20.41 -16.52 -7.61
C LYS A 355 18.93 -16.49 -7.96
N VAL A 356 18.45 -15.28 -8.30
CA VAL A 356 17.04 -15.06 -8.63
C VAL A 356 16.84 -15.17 -10.14
N ALA A 357 15.78 -15.87 -10.56
CA ALA A 357 15.28 -15.77 -11.93
C ALA A 357 14.01 -14.93 -11.83
N LEU A 358 14.03 -13.74 -12.43
CA LEU A 358 13.01 -12.71 -12.24
C LEU A 358 12.13 -12.59 -13.48
N ILE A 359 10.81 -12.57 -13.28
CA ILE A 359 9.85 -12.24 -14.32
C ILE A 359 9.40 -10.82 -14.10
N LEU A 360 9.62 -9.96 -15.10
CA LEU A 360 9.43 -8.53 -15.04
C LEU A 360 8.61 -8.09 -16.24
N GLY A 361 7.70 -7.12 -16.05
CA GLY A 361 7.02 -6.50 -17.18
C GLY A 361 5.51 -6.45 -17.05
N GLY A 362 4.87 -5.87 -18.08
CA GLY A 362 3.48 -5.49 -18.03
C GLY A 362 3.35 -4.04 -18.44
N GLN A 363 2.47 -3.28 -17.79
CA GLN A 363 2.30 -1.85 -18.06
C GLN A 363 3.22 -1.07 -17.13
N GLY A 364 4.22 -0.38 -17.71
CA GLY A 364 5.24 0.21 -16.89
C GLY A 364 4.92 1.58 -16.34
N LYS A 365 3.85 2.23 -16.83
CA LYS A 365 3.37 3.50 -16.30
C LYS A 365 4.38 4.64 -16.40
N GLY A 366 5.35 4.52 -17.31
CA GLY A 366 6.37 5.54 -17.45
C GLY A 366 7.38 5.58 -16.33
N GLN A 367 7.43 4.53 -15.51
CA GLN A 367 8.35 4.52 -14.38
C GLN A 367 9.82 4.53 -14.81
N ASP A 368 10.65 4.98 -13.87
CA ASP A 368 12.11 4.85 -13.93
C ASP A 368 12.48 3.45 -13.42
N PHE A 369 12.97 2.59 -14.34
CA PHE A 369 13.36 1.23 -13.98
C PHE A 369 14.82 1.16 -13.60
N GLY A 370 15.54 2.28 -13.71
CA GLY A 370 16.94 2.32 -13.32
C GLY A 370 17.24 1.77 -11.95
N PRO A 371 16.42 2.05 -10.92
CA PRO A 371 16.73 1.54 -9.58
C PRO A 371 16.78 0.04 -9.47
N LEU A 372 16.26 -0.70 -10.46
CA LEU A 372 16.37 -2.16 -10.41
C LEU A 372 17.73 -2.67 -10.84
N ARG A 373 18.52 -1.88 -11.58
CA ARG A 373 19.70 -2.44 -12.23
C ARG A 373 20.69 -3.03 -11.24
N SER A 374 21.04 -2.28 -10.18
CA SER A 374 22.07 -2.75 -9.27
CA SER A 374 22.06 -2.74 -9.26
CA SER A 374 22.05 -2.72 -9.23
C SER A 374 21.64 -4.03 -8.56
N SER A 375 20.36 -4.15 -8.21
CA SER A 375 19.93 -5.36 -7.54
CA SER A 375 19.84 -5.34 -7.55
C SER A 375 19.82 -6.53 -8.51
N ILE A 376 19.38 -6.28 -9.74
CA ILE A 376 19.41 -7.32 -10.76
C ILE A 376 20.85 -7.80 -10.99
N GLU A 377 21.78 -6.87 -11.11
CA GLU A 377 23.18 -7.26 -11.34
C GLU A 377 23.71 -8.07 -10.17
N LYS A 378 23.33 -7.72 -8.95
CA LYS A 378 23.88 -8.41 -7.78
C LYS A 378 23.26 -9.79 -7.57
N TYR A 379 21.95 -9.92 -7.78
CA TYR A 379 21.24 -11.11 -7.30
C TYR A 379 20.59 -11.96 -8.36
N ALA A 380 20.38 -11.45 -9.58
CA ALA A 380 19.62 -12.18 -10.59
C ALA A 380 20.54 -12.90 -11.57
N LYS A 381 20.16 -14.12 -11.93
CA LYS A 381 20.88 -14.82 -12.99
C LYS A 381 20.20 -14.68 -14.34
N VAL A 382 18.92 -14.30 -14.35
CA VAL A 382 18.20 -14.06 -15.60
C VAL A 382 17.00 -13.19 -15.28
N VAL A 383 16.63 -12.35 -16.24
CA VAL A 383 15.34 -11.65 -16.22
C VAL A 383 14.58 -12.08 -17.46
N VAL A 384 13.34 -12.53 -17.29
CA VAL A 384 12.45 -12.88 -18.39
C VAL A 384 11.41 -11.77 -18.47
N LEU A 385 11.35 -11.10 -19.61
CA LEU A 385 10.47 -9.96 -19.81
C LEU A 385 9.18 -10.36 -20.48
N ILE A 386 8.07 -9.84 -19.94
CA ILE A 386 6.74 -10.03 -20.49
C ILE A 386 6.06 -8.68 -20.63
N GLY A 387 4.96 -8.68 -21.40
CA GLY A 387 4.05 -7.55 -21.39
C GLY A 387 4.41 -6.38 -22.32
N GLU A 388 3.52 -5.39 -22.32
CA GLU A 388 3.62 -4.43 -23.40
C GLU A 388 4.81 -3.50 -23.26
N ASP A 389 5.32 -3.25 -22.04
CA ASP A 389 6.50 -2.40 -21.89
C ASP A 389 7.80 -3.19 -21.74
N ALA A 390 7.81 -4.46 -22.14
CA ALA A 390 9.06 -5.19 -22.19
C ALA A 390 10.15 -4.45 -22.98
N PRO A 391 9.88 -3.81 -24.12
CA PRO A 391 11.02 -3.14 -24.82
C PRO A 391 11.59 -1.98 -24.05
N VAL A 392 10.75 -1.17 -23.38
CA VAL A 392 11.25 -0.05 -22.60
C VAL A 392 12.05 -0.54 -21.39
N ILE A 393 11.55 -1.60 -20.74
CA ILE A 393 12.25 -2.14 -19.58
C ILE A 393 13.58 -2.75 -20.02
N GLU A 394 13.58 -3.50 -21.13
CA GLU A 394 14.82 -4.06 -21.66
C GLU A 394 15.85 -2.97 -21.89
N GLN A 395 15.43 -1.86 -22.49
CA GLN A 395 16.38 -0.78 -22.72
C GLN A 395 17.01 -0.32 -21.41
N ALA A 396 16.21 -0.26 -20.33
CA ALA A 396 16.71 0.25 -19.07
C ALA A 396 17.63 -0.72 -18.34
N ILE A 397 17.41 -2.04 -18.47
CA ILE A 397 18.17 -3.03 -17.69
C ILE A 397 19.19 -3.79 -18.53
N GLN A 398 19.30 -3.47 -19.82
CA GLN A 398 20.25 -4.16 -20.70
C GLN A 398 21.65 -4.18 -20.09
N GLY A 399 22.26 -5.36 -20.09
CA GLY A 399 23.61 -5.49 -19.57
C GLY A 399 23.70 -5.91 -18.12
N ALA A 400 22.61 -5.79 -17.35
CA ALA A 400 22.70 -6.06 -15.91
C ALA A 400 22.81 -7.55 -15.65
N THR A 401 22.08 -8.36 -16.42
CA THR A 401 22.18 -9.81 -16.38
C THR A 401 21.63 -10.34 -17.70
N LYS A 402 21.58 -11.66 -17.83
CA LYS A 402 20.98 -12.28 -19.02
C LYS A 402 19.50 -11.93 -19.11
N ILE A 403 19.06 -11.53 -20.31
CA ILE A 403 17.67 -11.14 -20.56
C ILE A 403 17.08 -12.06 -21.62
N LEU A 404 15.89 -12.59 -21.30
CA LEU A 404 15.09 -13.38 -22.24
C LEU A 404 13.71 -12.74 -22.35
N HIS A 405 13.01 -13.05 -23.43
CA HIS A 405 11.62 -12.62 -23.64
C HIS A 405 10.67 -13.80 -23.66
N ALA A 406 9.45 -13.57 -23.17
CA ALA A 406 8.40 -14.58 -23.26
C ALA A 406 7.09 -13.90 -23.63
N ALA A 407 6.30 -14.57 -24.48
CA ALA A 407 5.03 -14.03 -24.96
C ALA A 407 3.88 -14.33 -24.01
N THR A 408 4.01 -15.33 -23.15
CA THR A 408 2.99 -15.66 -22.17
C THR A 408 3.63 -15.86 -20.82
N LEU A 409 2.80 -15.72 -19.77
CA LEU A 409 3.29 -16.01 -18.43
C LEU A 409 3.76 -17.45 -18.30
N LYS A 410 3.03 -18.40 -18.89
CA LYS A 410 3.42 -19.80 -18.80
C LYS A 410 4.80 -20.03 -19.39
N GLU A 411 5.08 -19.45 -20.56
CA GLU A 411 6.41 -19.56 -21.14
C GLU A 411 7.45 -18.93 -20.23
N ALA A 412 7.13 -17.78 -19.61
CA ALA A 412 8.12 -17.14 -18.74
C ALA A 412 8.45 -18.04 -17.54
N VAL A 413 7.44 -18.65 -16.92
CA VAL A 413 7.70 -19.55 -15.80
C VAL A 413 8.54 -20.74 -16.24
N GLU A 414 8.25 -21.30 -17.42
CA GLU A 414 9.02 -22.44 -17.92
C GLU A 414 10.48 -22.05 -18.18
N LEU A 415 10.70 -20.87 -18.77
CA LEU A 415 12.07 -20.42 -18.99
C LEU A 415 12.81 -20.24 -17.67
N CYS A 416 12.14 -19.65 -16.66
CA CYS A 416 12.80 -19.49 -15.36
C CYS A 416 13.16 -20.83 -14.75
N GLN A 417 12.27 -21.82 -14.90
CA GLN A 417 12.59 -23.14 -14.38
C GLN A 417 13.82 -23.72 -15.06
N ARG A 418 13.89 -23.62 -16.39
CA ARG A 418 15.05 -24.13 -17.13
C ARG A 418 16.34 -23.45 -16.67
N GLU A 419 16.28 -22.16 -16.34
CA GLU A 419 17.46 -21.39 -15.99
C GLU A 419 17.92 -21.58 -14.56
N THR A 420 17.15 -22.24 -13.72
CA THR A 420 17.47 -22.33 -12.30
C THR A 420 17.89 -23.74 -11.91
N GLN A 421 18.68 -23.80 -10.83
CA GLN A 421 19.18 -25.02 -10.22
C GLN A 421 18.91 -24.92 -8.73
N ALA A 422 19.04 -26.05 -8.04
CA ALA A 422 18.80 -26.10 -6.60
C ALA A 422 19.49 -24.93 -5.90
N GLU A 423 18.73 -24.27 -5.00
CA GLU A 423 19.06 -23.10 -4.17
C GLU A 423 18.75 -21.77 -4.84
N ASP A 424 18.53 -21.76 -6.17
CA ASP A 424 17.99 -20.56 -6.82
C ASP A 424 16.52 -20.38 -6.44
N VAL A 425 15.96 -19.21 -6.78
CA VAL A 425 14.53 -18.96 -6.65
C VAL A 425 14.00 -18.38 -7.95
N VAL A 426 12.69 -18.56 -8.17
CA VAL A 426 11.99 -17.94 -9.29
C VAL A 426 11.01 -16.94 -8.69
N LEU A 427 11.05 -15.69 -9.17
CA LEU A 427 10.27 -14.60 -8.62
C LEU A 427 9.44 -13.93 -9.70
N LEU A 428 8.10 -13.97 -9.56
CA LEU A 428 7.24 -13.09 -10.37
C LEU A 428 7.11 -11.77 -9.61
N SER A 429 7.78 -10.72 -10.05
CA SER A 429 7.66 -9.40 -9.40
C SER A 429 7.67 -8.39 -10.52
N PRO A 430 6.50 -8.10 -11.12
CA PRO A 430 6.49 -7.49 -12.45
C PRO A 430 6.95 -6.05 -12.48
N ALA A 431 6.85 -5.34 -11.36
CA ALA A 431 7.15 -3.91 -11.22
C ALA A 431 6.19 -3.07 -12.04
N CYS A 432 5.05 -3.64 -12.48
CA CYS A 432 4.18 -3.09 -13.50
C CYS A 432 2.74 -3.44 -13.20
N ALA A 433 1.82 -2.64 -13.75
CA ALA A 433 0.42 -3.01 -13.72
C ALA A 433 0.15 -4.16 -14.69
N SER A 434 -1.00 -4.81 -14.50
CA SER A 434 -1.28 -6.10 -15.12
C SER A 434 -2.23 -6.05 -16.30
N PHE A 435 -2.84 -4.90 -16.61
CA PHE A 435 -4.05 -4.89 -17.41
C PHE A 435 -3.81 -5.11 -18.89
N ASP A 436 -2.58 -5.10 -19.35
CA ASP A 436 -2.35 -5.42 -20.76
C ASP A 436 -2.57 -6.90 -21.06
N MET A 437 -2.42 -7.79 -20.06
CA MET A 437 -2.55 -9.23 -20.27
C MET A 437 -3.46 -9.92 -19.29
N PHE A 438 -3.89 -9.25 -18.21
CA PHE A 438 -4.61 -9.87 -17.11
C PHE A 438 -5.77 -8.97 -16.69
N LYS A 439 -6.69 -9.53 -15.91
CA LYS A 439 -7.79 -8.71 -15.39
C LYS A 439 -7.35 -7.82 -14.24
N SER A 440 -6.30 -8.24 -13.50
CA SER A 440 -5.93 -7.64 -12.23
C SER A 440 -4.65 -8.30 -11.77
N TYR A 441 -4.02 -7.73 -10.72
CA TYR A 441 -2.86 -8.39 -10.15
C TYR A 441 -3.26 -9.72 -9.50
N ASN A 442 -4.51 -9.82 -9.06
CA ASN A 442 -4.99 -11.07 -8.48
CA ASN A 442 -4.97 -11.08 -8.48
C ASN A 442 -5.04 -12.17 -9.54
N ASP A 443 -5.58 -11.83 -10.71
CA ASP A 443 -5.63 -12.76 -11.83
C ASP A 443 -4.22 -13.18 -12.24
N ARG A 444 -3.32 -12.20 -12.35
CA ARG A 444 -1.94 -12.50 -12.71
C ARG A 444 -1.28 -13.44 -11.70
N GLY A 445 -1.51 -13.20 -10.40
CA GLY A 445 -0.91 -14.07 -9.39
C GLY A 445 -1.52 -15.46 -9.40
N GLN A 446 -2.85 -15.56 -9.52
CA GLN A 446 -3.48 -16.87 -9.60
C GLN A 446 -2.96 -17.65 -10.79
N GLN A 447 -2.79 -16.96 -11.93
CA GLN A 447 -2.26 -17.66 -13.11
C GLN A 447 -0.84 -18.13 -12.88
N PHE A 448 -0.03 -17.30 -12.21
CA PHE A 448 1.33 -17.73 -11.88
C PHE A 448 1.32 -18.99 -11.02
N VAL A 449 0.46 -19.02 -10.01
CA VAL A 449 0.38 -20.20 -9.14
C VAL A 449 -0.03 -21.43 -9.97
N ALA A 450 -0.99 -21.26 -10.88
CA ALA A 450 -1.38 -22.39 -11.73
C ALA A 450 -0.22 -22.85 -12.61
N CYS A 451 0.55 -21.90 -13.15
CA CYS A 451 1.72 -22.30 -13.96
C CYS A 451 2.72 -23.07 -13.13
N VAL A 452 3.02 -22.56 -11.93
CA VAL A 452 3.98 -23.25 -11.06
C VAL A 452 3.50 -24.65 -10.74
N ASN A 453 2.20 -24.80 -10.44
CA ASN A 453 1.65 -26.10 -10.06
C ASN A 453 1.65 -27.08 -11.23
N SER A 454 1.78 -26.60 -12.47
CA SER A 454 1.79 -27.51 -13.60
C SER A 454 3.20 -27.88 -14.07
N LEU A 455 4.23 -27.26 -13.48
CA LEU A 455 5.60 -27.63 -13.79
C LEU A 455 5.88 -29.07 -13.41
N VAL A 456 6.72 -29.72 -14.20
CA VAL A 456 7.19 -31.07 -13.90
C VAL A 456 8.69 -31.03 -13.66
PB ADP B . -0.08 -1.43 -0.40
O1B ADP B . -0.35 -1.50 -1.91
O2B ADP B . 0.59 -0.12 0.02
O3B ADP B . -1.30 -1.83 0.36
PA ADP B . 1.09 -4.12 0.10
O1A ADP B . -0.10 -4.70 -0.58
O2A ADP B . 1.28 -4.43 1.54
O3A ADP B . 1.05 -2.53 -0.09
O5' ADP B . 2.40 -4.48 -0.72
C5' ADP B . 2.51 -4.01 -2.08
C4' ADP B . 3.82 -4.46 -2.66
O4' ADP B . 4.90 -3.87 -1.90
C3' ADP B . 4.09 -5.97 -2.64
O3' ADP B . 4.83 -6.26 -3.81
C2' ADP B . 4.93 -6.15 -1.37
O2' ADP B . 5.74 -7.33 -1.41
C1' ADP B . 5.76 -4.88 -1.41
N9 ADP B . 6.25 -4.41 -0.11
C8 ADP B . 5.79 -4.76 1.13
N7 ADP B . 6.32 -4.05 2.11
C5 ADP B . 7.20 -3.20 1.45
C6 ADP B . 8.08 -2.21 1.92
N6 ADP B . 8.22 -1.89 3.21
N1 ADP B . 8.83 -1.55 1.00
C2 ADP B . 8.70 -1.88 -0.29
N3 ADP B . 7.90 -2.79 -0.84
C4 ADP B . 7.17 -3.42 0.08
MG MG C . -1.13 2.69 -4.41
C1 EDO D . 7.93 0.11 6.56
O1 EDO D . 6.85 0.07 5.63
C2 EDO D . 9.25 0.18 5.76
O2 EDO D . 9.09 0.64 4.42
C1 EDO E . 16.97 -30.93 -8.22
O1 EDO E . 15.88 -31.38 -7.41
C2 EDO E . 17.08 -31.78 -9.49
O2 EDO E . 16.01 -31.41 -10.38
CL CL F . -2.29 -4.44 -11.61
C1 EDO G . -6.01 -3.43 5.22
O1 EDO G . -6.27 -3.48 3.82
C2 EDO G . -7.17 -4.05 6.00
O2 EDO G . -8.38 -3.36 5.67
CA CA H . -3.64 -1.31 -0.22
#